data_3AS0
#
_entry.id   3AS0
#
_cell.length_a   66.690
_cell.length_b   83.340
_cell.length_c   102.760
_cell.angle_alpha   90.000
_cell.angle_beta   90.000
_cell.angle_gamma   90.000
#
_symmetry.space_group_name_H-M   'P 21 21 21'
#
loop_
_entity.id
_entity.type
_entity.pdbx_description
1 polymer 'Chitinase A'
2 non-polymer 13-methyl[1,3]benzodioxolo[5,6-c][1,3]dioxolo[4,5-i]phenanthridin-13-ium
3 non-polymer GLYCEROL
4 water water
#
_entity_poly.entity_id   1
_entity_poly.type   'polypeptide(L)'
_entity_poly.pdbx_seq_one_letter_code
;APTAPSIDMYGSNNLQFSKIELAMETTSGYNDMVKYHELAKIKVKFNQWSGTSGDTYNVYFDGVKVATGAITGSQTTASF
EYGQGGLYQMEIEACDATGCSKSAPVEITIADTDGSHLKPLTMNVDPNNKSYNTDPSIVMGTYFVEWGIYGRDYTVDNMP
VDNLTHILYGFIPICGPNESVKSVGGNSFNALQTACRGVNDYEVVIHDPWAAYQKSFPQAGHEYSTPIKGNYAMLMALKQ
RNPDLKIIPSIGGGTLSDPFYDFVDKKNRDTFVASVKKFLKTWKFYDGVDIDWEFPGGGGAAADKGDPVNDGPAYIALMR
ELRVMLDELEAETGRTYELTSAIGVGYDKIEDVDYADAVQYMDYIFAMTYDFYGGWNNVPGHQTALYCGSFMRPGQCDGG
GVDENGEPYKGPAYTADNGIQLLLAQGVPANKLVLGTAMYGRGWEGVTPDTLTDPNDPMTGTATGKLKGSTAQGVWEDGV
IDYKGIKSFMLGANNTGINGFEYGYDAQAEAPWVWNRSTGELITFDDHRSVLAKGNYAKSLGLAGLFSWEIDADNGDILN
AMHEGMAGGVVTPPNRRSHHHHHH
;
_entity_poly.pdbx_strand_id   A
#
loop_
_chem_comp.id
_chem_comp.type
_chem_comp.name
_chem_comp.formula
GOL non-polymer GLYCEROL 'C3 H8 O3'
SAU non-polymer 13-methyl[1,3]benzodioxolo[5,6-c][1,3]dioxolo[4,5-i]phenanthridin-13-ium 'C20 H14 N O4 1'
#
# COMPACT_ATOMS: atom_id res chain seq x y z
N ALA A 1 35.04 -10.78 -42.24
CA ALA A 1 34.52 -11.35 -43.53
C ALA A 1 33.51 -12.49 -43.28
N PRO A 2 33.29 -12.91 -42.01
CA PRO A 2 32.06 -13.71 -41.88
C PRO A 2 30.82 -12.87 -42.24
N THR A 3 29.71 -13.55 -42.45
CA THR A 3 28.40 -12.87 -42.55
C THR A 3 28.04 -12.21 -41.23
N ALA A 4 27.49 -11.00 -41.31
CA ALA A 4 27.12 -10.29 -40.06
C ALA A 4 25.96 -11.07 -39.45
N PRO A 5 25.94 -11.34 -38.13
CA PRO A 5 24.74 -12.01 -37.51
C PRO A 5 23.48 -11.21 -37.75
N SER A 6 22.35 -11.90 -37.92
CA SER A 6 20.97 -11.32 -37.81
C SER A 6 20.42 -11.85 -36.50
N ILE A 7 19.84 -10.99 -35.69
CA ILE A 7 19.29 -11.44 -34.42
C ILE A 7 17.92 -12.06 -34.66
N ASP A 8 17.67 -13.22 -34.05
CA ASP A 8 16.35 -13.86 -34.07
C ASP A 8 15.57 -13.32 -32.88
N MET A 9 14.81 -12.26 -33.09
CA MET A 9 13.99 -11.62 -32.02
C MET A 9 13.04 -12.58 -31.28
N TYR A 10 12.24 -13.33 -31.99
CA TYR A 10 11.28 -14.27 -31.33
C TYR A 10 11.96 -15.45 -30.68
N GLY A 11 13.04 -15.94 -31.25
CA GLY A 11 13.74 -16.97 -30.58
C GLY A 11 14.54 -16.49 -29.38
N SER A 12 14.63 -15.19 -29.15
CA SER A 12 15.49 -14.59 -28.07
C SER A 12 14.55 -13.88 -27.02
N ASN A 13 13.37 -14.44 -26.86
CA ASN A 13 12.36 -13.95 -25.90
C ASN A 13 12.03 -12.46 -26.18
N ASN A 14 11.96 -12.12 -27.46
CA ASN A 14 11.85 -10.72 -27.84
C ASN A 14 12.81 -9.71 -27.24
N LEU A 15 14.00 -10.19 -26.90
CA LEU A 15 15.02 -9.40 -26.26
C LEU A 15 14.54 -8.79 -24.92
N GLN A 16 13.66 -9.49 -24.19
CA GLN A 16 13.17 -8.96 -22.92
C GLN A 16 13.82 -9.85 -21.90
N PHE A 17 14.78 -9.36 -21.12
CA PHE A 17 15.42 -10.19 -20.09
C PHE A 17 15.20 -9.55 -18.74
N SER A 18 15.64 -10.20 -17.66
CA SER A 18 15.25 -9.65 -16.33
C SER A 18 16.14 -10.21 -15.27
N LYS A 19 16.50 -9.34 -14.33
CA LYS A 19 17.16 -9.82 -13.14
C LYS A 19 16.18 -10.56 -12.25
N ILE A 20 14.89 -10.34 -12.43
CA ILE A 20 13.92 -11.05 -11.61
C ILE A 20 13.14 -12.06 -12.45
N GLU A 21 13.06 -13.30 -11.96
CA GLU A 21 12.43 -14.32 -12.71
C GLU A 21 11.09 -14.60 -12.02
N LEU A 22 9.99 -14.44 -12.75
CA LEU A 22 8.67 -14.39 -12.17
C LEU A 22 7.76 -15.37 -12.95
N ALA A 23 7.10 -16.30 -12.26
CA ALA A 23 6.09 -17.15 -12.92
C ALA A 23 4.92 -16.29 -13.38
N MET A 24 4.60 -16.30 -14.67
CA MET A 24 3.55 -15.47 -15.23
C MET A 24 2.24 -16.27 -15.43
N GLU A 25 2.29 -17.59 -15.32
CA GLU A 25 1.15 -18.43 -15.79
C GLU A 25 0.86 -19.56 -14.83
N THR A 26 1.00 -19.28 -13.54
CA THR A 26 0.51 -20.21 -12.55
C THR A 26 0.42 -19.45 -11.27
N THR A 27 -0.10 -20.11 -10.25
CA THR A 27 -0.19 -19.60 -8.90
C THR A 27 0.29 -20.70 -7.97
N SER A 28 1.39 -20.42 -7.30
CA SER A 28 2.05 -21.40 -6.48
C SER A 28 2.75 -20.65 -5.30
N GLY A 29 3.61 -21.34 -4.57
CA GLY A 29 4.34 -20.76 -3.42
C GLY A 29 5.27 -19.61 -3.87
N TYR A 30 5.49 -18.65 -2.96
CA TYR A 30 6.17 -17.40 -3.31
C TYR A 30 7.61 -17.76 -3.80
N ASN A 31 8.27 -18.70 -3.12
CA ASN A 31 9.67 -19.04 -3.42
C ASN A 31 9.81 -19.76 -4.78
N ASP A 32 8.77 -20.49 -5.19
CA ASP A 32 8.68 -21.07 -6.51
C ASP A 32 8.32 -20.09 -7.61
N MET A 33 7.62 -18.99 -7.30
CA MET A 33 7.21 -18.04 -8.30
C MET A 33 8.22 -16.90 -8.53
N VAL A 34 8.99 -16.54 -7.52
CA VAL A 34 9.79 -15.29 -7.58
C VAL A 34 11.26 -15.63 -7.29
N LYS A 35 12.20 -15.39 -8.22
CA LYS A 35 13.62 -15.57 -7.85
C LYS A 35 14.40 -14.39 -8.37
N TYR A 36 15.10 -13.68 -7.47
CA TYR A 36 15.80 -12.46 -7.86
C TYR A 36 17.23 -12.97 -8.09
N HIS A 37 17.87 -12.55 -9.17
CA HIS A 37 19.26 -12.97 -9.44
C HIS A 37 20.12 -11.76 -9.54
N GLU A 38 21.31 -11.81 -8.97
CA GLU A 38 22.23 -10.69 -9.02
C GLU A 38 22.63 -10.37 -10.48
N LEU A 39 22.73 -11.39 -11.30
CA LEU A 39 23.04 -11.21 -12.75
C LEU A 39 21.85 -11.75 -13.60
N ALA A 40 21.34 -10.97 -14.56
CA ALA A 40 20.27 -11.49 -15.43
C ALA A 40 20.88 -12.53 -16.35
N LYS A 41 20.16 -13.61 -16.63
CA LYS A 41 20.55 -14.58 -17.59
C LYS A 41 20.07 -14.12 -18.98
N ILE A 42 21.04 -13.99 -19.89
CA ILE A 42 20.76 -13.49 -21.23
C ILE A 42 20.94 -14.62 -22.26
N LYS A 43 19.99 -14.77 -23.16
CA LYS A 43 20.11 -15.77 -24.19
C LYS A 43 19.63 -15.19 -25.50
N VAL A 44 20.56 -15.10 -26.42
CA VAL A 44 20.25 -14.44 -27.70
C VAL A 44 20.60 -15.41 -28.83
N LYS A 45 19.62 -15.73 -29.69
CA LYS A 45 19.87 -16.54 -30.83
C LYS A 45 20.13 -15.61 -31.99
N PHE A 46 21.14 -15.96 -32.79
CA PHE A 46 21.36 -15.28 -34.04
C PHE A 46 21.66 -16.25 -35.16
N ASN A 47 21.48 -15.79 -36.39
CA ASN A 47 21.61 -16.61 -37.60
C ASN A 47 22.60 -15.98 -38.58
N GLN A 48 23.27 -16.82 -39.39
CA GLN A 48 24.12 -16.34 -40.47
C GLN A 48 23.70 -17.35 -41.55
N TRP A 49 22.67 -17.00 -42.29
CA TRP A 49 22.08 -17.92 -43.24
C TRP A 49 22.95 -18.06 -44.49
N SER A 50 23.64 -17.04 -44.92
CA SER A 50 24.39 -17.22 -46.14
C SER A 50 25.85 -17.00 -45.79
N GLY A 51 26.78 -17.45 -46.64
CA GLY A 51 28.22 -17.14 -46.52
C GLY A 51 28.89 -17.85 -45.35
N THR A 52 29.95 -17.31 -44.78
CA THR A 52 30.65 -18.08 -43.81
C THR A 52 30.26 -17.58 -42.41
N SER A 53 30.23 -18.48 -41.45
CA SER A 53 29.73 -18.08 -40.14
C SER A 53 30.88 -17.50 -39.30
N GLY A 54 32.11 -17.96 -39.59
CA GLY A 54 33.27 -17.52 -38.83
C GLY A 54 33.40 -18.42 -37.62
N ASP A 55 34.23 -18.07 -36.65
CA ASP A 55 34.51 -19.03 -35.56
CA ASP A 55 34.61 -19.01 -35.57
C ASP A 55 34.27 -18.50 -34.16
N THR A 56 34.11 -17.19 -34.00
CA THR A 56 33.82 -16.62 -32.67
CA THR A 56 33.85 -16.60 -32.68
C THR A 56 32.86 -15.44 -32.73
N TYR A 57 32.12 -15.22 -31.65
CA TYR A 57 31.23 -14.06 -31.61
C TYR A 57 31.58 -13.21 -30.44
N ASN A 58 31.27 -11.92 -30.51
CA ASN A 58 31.37 -11.01 -29.36
C ASN A 58 30.03 -10.24 -29.25
N VAL A 59 29.58 -10.02 -28.03
CA VAL A 59 28.32 -9.30 -27.86
C VAL A 59 28.66 -7.97 -27.18
N TYR A 60 28.10 -6.90 -27.72
CA TYR A 60 28.34 -5.54 -27.21
C TYR A 60 27.03 -4.92 -26.76
N PHE A 61 27.05 -4.22 -25.62
CA PHE A 61 25.95 -3.34 -25.12
C PHE A 61 26.54 -1.91 -25.09
N ASP A 62 25.89 -0.97 -25.77
CA ASP A 62 26.38 0.42 -25.90
C ASP A 62 27.89 0.46 -26.19
N GLY A 63 28.38 -0.50 -26.97
CA GLY A 63 29.76 -0.44 -27.45
C GLY A 63 30.72 -1.15 -26.52
N VAL A 64 30.23 -1.69 -25.41
CA VAL A 64 31.09 -2.34 -24.48
C VAL A 64 30.94 -3.82 -24.63
N LYS A 65 32.06 -4.55 -24.74
CA LYS A 65 31.99 -6.00 -24.81
C LYS A 65 31.43 -6.69 -23.56
N VAL A 66 30.41 -7.55 -23.71
CA VAL A 66 29.84 -8.19 -22.51
C VAL A 66 29.87 -9.69 -22.59
N ALA A 67 30.10 -10.27 -23.75
CA ALA A 67 30.15 -11.71 -23.87
C ALA A 67 30.98 -12.10 -25.11
N THR A 68 31.55 -13.30 -25.11
CA THR A 68 32.18 -13.87 -26.29
CA THR A 68 32.16 -13.89 -26.31
C THR A 68 31.92 -15.36 -26.26
N GLY A 69 32.06 -16.06 -27.41
CA GLY A 69 31.94 -17.52 -27.41
C GLY A 69 32.19 -18.04 -28.80
N ALA A 70 31.97 -19.33 -29.02
CA ALA A 70 32.27 -19.95 -30.28
C ALA A 70 31.05 -19.92 -31.18
N ILE A 71 31.32 -19.71 -32.46
CA ILE A 71 30.34 -19.97 -33.47
C ILE A 71 30.77 -21.31 -34.03
N THR A 72 29.83 -22.20 -34.22
CA THR A 72 30.18 -23.46 -34.87
CA THR A 72 30.12 -23.52 -34.78
C THR A 72 29.19 -23.91 -35.95
N GLY A 73 28.23 -23.01 -36.32
CA GLY A 73 27.27 -23.23 -37.45
C GLY A 73 26.43 -22.03 -37.92
N SER A 74 25.34 -22.26 -38.67
CA SER A 74 24.59 -21.14 -39.19
C SER A 74 23.60 -20.54 -38.17
N GLN A 75 23.46 -21.19 -37.00
CA GLN A 75 22.58 -20.71 -35.93
CA GLN A 75 22.61 -20.64 -35.93
C GLN A 75 23.34 -20.79 -34.61
N THR A 76 23.41 -19.73 -33.84
CA THR A 76 24.20 -19.79 -32.61
C THR A 76 23.33 -19.23 -31.53
N THR A 77 23.38 -19.79 -30.30
CA THR A 77 22.69 -19.22 -29.17
C THR A 77 23.75 -18.62 -28.26
N ALA A 78 23.74 -17.30 -28.02
CA ALA A 78 24.74 -16.68 -27.12
C ALA A 78 24.09 -16.59 -25.74
N SER A 79 24.61 -17.35 -24.75
CA SER A 79 24.12 -17.27 -23.38
C SER A 79 25.16 -16.67 -22.47
N PHE A 80 24.80 -15.68 -21.67
CA PHE A 80 25.74 -14.99 -20.79
C PHE A 80 24.95 -14.30 -19.71
N GLU A 81 25.64 -13.59 -18.82
CA GLU A 81 24.97 -12.93 -17.67
C GLU A 81 25.35 -11.47 -17.66
N TYR A 82 24.47 -10.63 -17.11
CA TYR A 82 24.76 -9.21 -17.03
C TYR A 82 24.06 -8.65 -15.78
N GLY A 83 24.72 -7.76 -15.05
CA GLY A 83 24.27 -7.39 -13.72
C GLY A 83 23.53 -6.08 -13.62
N GLN A 84 23.30 -5.39 -14.73
CA GLN A 84 22.74 -4.05 -14.61
C GLN A 84 21.44 -3.84 -15.44
N GLY A 85 20.37 -3.42 -14.80
CA GLY A 85 19.05 -3.25 -15.44
C GLY A 85 19.15 -2.10 -16.40
N GLY A 86 18.30 -2.02 -17.42
CA GLY A 86 18.35 -0.87 -18.30
C GLY A 86 17.99 -1.28 -19.74
N LEU A 87 17.93 -0.30 -20.65
CA LEU A 87 17.83 -0.58 -22.10
C LEU A 87 19.20 -0.33 -22.69
N TYR A 88 19.61 -1.19 -23.61
CA TYR A 88 20.93 -1.08 -24.18
C TYR A 88 20.84 -1.35 -25.69
N GLN A 89 21.76 -0.74 -26.45
CA GLN A 89 21.90 -1.00 -27.87
C GLN A 89 22.89 -2.17 -28.01
N MET A 90 22.39 -3.30 -28.43
CA MET A 90 23.19 -4.52 -28.51
C MET A 90 23.64 -4.73 -29.97
N GLU A 91 24.91 -5.17 -30.15
CA GLU A 91 25.39 -5.59 -31.43
C GLU A 91 26.09 -6.88 -31.18
N ILE A 92 26.00 -7.75 -32.16
CA ILE A 92 26.73 -8.98 -32.08
C ILE A 92 27.58 -9.11 -33.36
N GLU A 93 28.84 -9.39 -33.13
CA GLU A 93 29.78 -9.49 -34.18
C GLU A 93 30.26 -10.92 -34.31
N ALA A 94 30.41 -11.33 -35.56
CA ALA A 94 31.01 -12.59 -35.86
C ALA A 94 32.44 -12.39 -36.41
N CYS A 95 33.37 -13.21 -35.93
CA CYS A 95 34.80 -13.05 -36.29
C CYS A 95 35.43 -14.32 -36.82
N ASP A 96 36.37 -14.13 -37.74
CA ASP A 96 37.27 -15.20 -38.16
C ASP A 96 38.68 -14.64 -38.28
N ALA A 97 39.62 -15.43 -38.79
CA ALA A 97 40.98 -14.96 -38.78
C ALA A 97 41.12 -13.74 -39.67
N THR A 98 40.23 -13.47 -40.64
CA THR A 98 40.43 -12.27 -41.49
C THR A 98 39.76 -10.99 -41.01
N GLY A 99 38.87 -11.07 -40.02
CA GLY A 99 38.18 -9.84 -39.63
C GLY A 99 36.81 -10.17 -38.98
N CYS A 100 36.04 -9.13 -38.69
CA CYS A 100 34.79 -9.23 -37.89
C CYS A 100 33.71 -8.51 -38.66
N SER A 101 32.47 -9.01 -38.58
CA SER A 101 31.33 -8.34 -39.16
C SER A 101 30.26 -8.21 -38.08
N LYS A 102 29.71 -7.01 -37.90
CA LYS A 102 28.89 -6.66 -36.74
C LYS A 102 27.44 -6.56 -37.22
N SER A 103 26.48 -7.12 -36.47
CA SER A 103 25.06 -6.92 -36.73
C SER A 103 24.72 -5.44 -36.62
N ALA A 104 23.57 -5.06 -37.21
CA ALA A 104 22.93 -3.79 -36.91
C ALA A 104 22.56 -3.80 -35.41
N PRO A 105 22.57 -2.65 -34.73
CA PRO A 105 22.19 -2.55 -33.29
C PRO A 105 20.68 -2.75 -33.07
N VAL A 106 20.33 -3.35 -31.94
CA VAL A 106 18.93 -3.55 -31.66
C VAL A 106 18.82 -3.36 -30.14
N GLU A 107 17.73 -2.77 -29.71
CA GLU A 107 17.54 -2.49 -28.29
C GLU A 107 17.23 -3.80 -27.57
N ILE A 108 17.95 -4.04 -26.50
CA ILE A 108 17.66 -5.17 -25.59
C ILE A 108 17.22 -4.57 -24.25
N THR A 109 16.31 -5.26 -23.55
CA THR A 109 15.80 -4.77 -22.29
C THR A 109 16.27 -5.68 -21.18
N ILE A 110 16.92 -5.11 -20.14
CA ILE A 110 17.18 -5.91 -18.95
C ILE A 110 16.35 -5.35 -17.76
N ALA A 111 15.28 -6.04 -17.40
CA ALA A 111 14.36 -5.47 -16.41
C ALA A 111 14.99 -5.54 -15.06
N ASP A 112 14.77 -4.50 -14.25
CA ASP A 112 15.12 -4.62 -12.82
C ASP A 112 13.98 -3.94 -12.04
N THR A 113 13.85 -4.34 -10.79
CA THR A 113 12.66 -3.94 -9.97
C THR A 113 12.66 -2.50 -9.46
N ASP A 114 13.69 -1.73 -9.82
CA ASP A 114 13.69 -0.28 -9.59
C ASP A 114 13.07 0.41 -10.81
N GLY A 115 12.75 -0.35 -11.87
CA GLY A 115 12.14 0.28 -13.02
C GLY A 115 13.12 1.04 -13.90
N SER A 116 14.42 0.74 -13.78
CA SER A 116 15.45 1.32 -14.67
C SER A 116 15.27 1.03 -16.17
N HIS A 117 14.44 0.06 -16.53
CA HIS A 117 14.23 -0.21 -17.95
C HIS A 117 12.92 0.44 -18.47
N LEU A 118 12.26 1.26 -17.62
CA LEU A 118 10.89 1.71 -17.92
C LEU A 118 10.84 3.22 -18.08
N LYS A 119 9.96 3.64 -18.96
CA LYS A 119 9.67 5.08 -19.10
C LYS A 119 8.68 5.51 -17.99
N PRO A 120 8.66 6.80 -17.65
CA PRO A 120 7.63 7.31 -16.69
C PRO A 120 6.24 6.85 -17.00
N LEU A 121 5.49 6.50 -15.97
CA LEU A 121 4.10 6.08 -16.20
C LEU A 121 3.25 7.18 -16.79
N THR A 122 2.36 6.84 -17.70
CA THR A 122 1.30 7.74 -18.19
C THR A 122 0.12 7.72 -17.27
N MET A 123 -0.32 8.88 -16.80
CA MET A 123 -1.37 8.94 -15.76
C MET A 123 -2.77 9.10 -16.35
N ASN A 124 -3.77 8.54 -15.71
CA ASN A 124 -5.15 8.74 -16.13
C ASN A 124 -5.92 9.07 -14.85
N VAL A 125 -5.71 10.28 -14.36
CA VAL A 125 -6.24 10.72 -13.06
C VAL A 125 -7.57 11.52 -13.22
N ASP A 126 -8.61 11.22 -12.42
CA ASP A 126 -9.87 11.98 -12.49
C ASP A 126 -9.49 13.47 -12.27
N PRO A 127 -9.88 14.40 -13.23
CA PRO A 127 -9.51 15.83 -13.09
C PRO A 127 -10.23 16.59 -11.95
N ASN A 128 -11.16 15.96 -11.23
CA ASN A 128 -11.65 16.51 -9.95
C ASN A 128 -10.50 16.64 -8.89
N ASN A 129 -9.39 15.89 -9.07
CA ASN A 129 -8.19 16.09 -8.23
C ASN A 129 -7.47 17.36 -8.69
N LYS A 130 -7.41 18.38 -7.83
CA LYS A 130 -6.83 19.65 -8.27
C LYS A 130 -5.33 19.73 -8.02
N SER A 131 -4.66 20.76 -8.55
CA SER A 131 -3.23 21.00 -8.24
C SER A 131 -3.03 21.93 -7.06
N TYR A 132 -2.00 21.63 -6.29
CA TYR A 132 -1.72 22.40 -5.11
C TYR A 132 -0.23 22.65 -5.05
N ASN A 133 0.16 23.54 -4.17
CA ASN A 133 1.57 23.86 -3.98
C ASN A 133 1.91 23.71 -2.53
N THR A 134 1.59 22.55 -1.98
CA THR A 134 1.75 22.30 -0.58
C THR A 134 3.24 22.13 -0.36
N ASP A 135 3.72 22.67 0.73
CA ASP A 135 5.11 22.52 1.19
C ASP A 135 5.50 21.04 1.10
N PRO A 136 6.62 20.75 0.40
CA PRO A 136 7.04 19.35 0.21
C PRO A 136 7.50 18.70 1.51
N SER A 137 7.62 19.47 2.60
CA SER A 137 8.04 18.88 3.89
C SER A 137 6.86 18.21 4.65
N ILE A 138 5.65 18.48 4.19
CA ILE A 138 4.43 18.01 4.84
C ILE A 138 4.11 16.60 4.31
N VAL A 139 3.84 15.64 5.17
CA VAL A 139 3.42 14.32 4.69
C VAL A 139 2.03 14.41 4.16
N MET A 140 1.80 13.87 2.97
CA MET A 140 0.46 13.70 2.42
C MET A 140 0.41 12.27 1.92
N GLY A 141 -0.08 11.36 2.76
CA GLY A 141 0.00 9.95 2.39
C GLY A 141 -1.32 9.32 2.02
N THR A 142 -1.26 8.17 1.36
CA THR A 142 -2.49 7.38 1.18
C THR A 142 -2.17 5.91 1.09
N TYR A 143 -3.16 5.06 1.33
CA TYR A 143 -3.02 3.66 1.01
C TYR A 143 -3.63 3.34 -0.35
N PHE A 144 -2.91 2.55 -1.13
CA PHE A 144 -3.41 1.99 -2.37
C PHE A 144 -3.52 0.49 -2.11
N VAL A 145 -4.68 -0.10 -2.38
CA VAL A 145 -4.89 -1.50 -2.10
C VAL A 145 -4.77 -2.37 -3.36
N GLU A 146 -4.10 -3.49 -3.15
CA GLU A 146 -3.76 -4.47 -4.20
C GLU A 146 -5.01 -4.96 -4.91
N TRP A 147 -6.07 -5.24 -4.16
CA TRP A 147 -7.31 -5.73 -4.77
C TRP A 147 -8.20 -4.68 -5.41
N GLY A 148 -7.78 -3.41 -5.39
CA GLY A 148 -8.60 -2.31 -5.91
C GLY A 148 -8.72 -2.38 -7.44
N ILE A 149 -7.87 -3.20 -8.04
CA ILE A 149 -7.89 -3.39 -9.51
C ILE A 149 -9.03 -4.28 -10.01
N TYR A 150 -9.72 -4.97 -9.12
CA TYR A 150 -10.79 -5.86 -9.56
C TYR A 150 -12.10 -5.07 -9.70
N GLY A 151 -13.11 -5.39 -8.91
CA GLY A 151 -14.40 -4.66 -9.01
C GLY A 151 -14.30 -3.13 -8.90
N ARG A 152 -13.43 -2.62 -8.00
CA ARG A 152 -13.28 -1.20 -7.83
C ARG A 152 -12.64 -0.56 -9.05
N ASP A 153 -11.91 -1.35 -9.84
CA ASP A 153 -11.37 -0.87 -11.10
C ASP A 153 -10.44 0.36 -10.99
N TYR A 154 -9.62 0.39 -9.94
CA TYR A 154 -8.80 1.53 -9.61
C TYR A 154 -7.35 1.09 -9.67
N THR A 155 -6.63 1.62 -10.66
CA THR A 155 -5.29 1.16 -10.94
C THR A 155 -4.28 2.23 -10.58
N VAL A 156 -3.01 1.87 -10.59
CA VAL A 156 -1.92 2.72 -10.15
C VAL A 156 -1.89 4.10 -10.88
N ASP A 157 -2.18 4.03 -12.18
CA ASP A 157 -2.21 5.23 -13.07
C ASP A 157 -3.36 6.18 -12.72
N ASN A 158 -4.32 5.70 -11.92
CA ASN A 158 -5.45 6.57 -11.49
C ASN A 158 -5.10 7.42 -10.27
N MET A 159 -4.00 7.11 -9.58
CA MET A 159 -3.65 7.86 -8.38
C MET A 159 -3.21 9.30 -8.67
N PRO A 160 -3.67 10.24 -7.84
CA PRO A 160 -3.27 11.60 -8.05
C PRO A 160 -1.88 11.79 -7.49
N VAL A 161 -0.87 11.17 -8.11
CA VAL A 161 0.43 11.10 -7.50
C VAL A 161 1.10 12.43 -7.23
N ASP A 162 0.75 13.50 -7.98
CA ASP A 162 1.49 14.77 -7.64
C ASP A 162 0.95 15.40 -6.34
N ASN A 163 -0.18 14.87 -5.85
CA ASN A 163 -0.72 15.29 -4.54
C ASN A 163 -0.34 14.39 -3.36
N LEU A 164 0.68 13.54 -3.52
CA LEU A 164 1.01 12.52 -2.53
C LEU A 164 2.52 12.55 -2.28
N THR A 165 2.94 12.36 -1.03
CA THR A 165 4.35 12.16 -0.73
C THR A 165 4.66 10.65 -0.47
N HIS A 166 3.64 9.92 -0.04
CA HIS A 166 3.83 8.53 0.41
C HIS A 166 2.64 7.75 -0.07
N ILE A 167 2.92 6.64 -0.76
CA ILE A 167 1.94 5.63 -1.15
CA ILE A 167 1.88 5.68 -1.05
C ILE A 167 2.20 4.41 -0.25
N LEU A 168 1.27 4.02 0.60
CA LEU A 168 1.45 2.76 1.34
C LEU A 168 0.69 1.67 0.56
N TYR A 169 1.35 0.58 0.24
CA TYR A 169 0.74 -0.42 -0.62
C TYR A 169 0.20 -1.51 0.29
N GLY A 170 -1.12 -1.64 0.30
CA GLY A 170 -1.76 -2.60 1.19
C GLY A 170 -2.26 -3.85 0.44
N PHE A 171 -2.08 -5.05 0.99
CA PHE A 171 -1.26 -5.38 2.17
C PHE A 171 -0.34 -6.59 1.87
N ILE A 172 0.80 -6.61 2.55
CA ILE A 172 1.73 -7.74 2.47
C ILE A 172 1.47 -8.69 3.66
N PRO A 173 1.03 -9.91 3.40
CA PRO A 173 0.81 -10.81 4.54
C PRO A 173 2.10 -11.51 5.02
N ILE A 174 1.98 -12.22 6.14
CA ILE A 174 3.08 -12.94 6.72
C ILE A 174 2.60 -14.43 6.84
N CYS A 175 3.42 -15.39 6.43
CA CYS A 175 3.01 -16.80 6.52
C CYS A 175 2.94 -17.23 7.95
N GLY A 176 2.07 -18.19 8.26
CA GLY A 176 1.97 -18.75 9.63
C GLY A 176 0.50 -18.76 10.04
N PRO A 177 0.20 -18.67 11.37
CA PRO A 177 -1.20 -18.63 11.84
C PRO A 177 -1.93 -17.41 11.21
N ASN A 178 -3.05 -17.66 10.53
CA ASN A 178 -3.79 -16.62 9.80
C ASN A 178 -5.25 -16.99 9.86
N GLU A 179 -5.68 -17.49 11.01
CA GLU A 179 -7.13 -17.81 11.17
C GLU A 179 -8.03 -16.61 10.87
N SER A 180 -7.60 -15.40 11.22
CA SER A 180 -8.42 -14.22 10.89
C SER A 180 -8.73 -13.99 9.41
N VAL A 181 -7.77 -14.35 8.57
CA VAL A 181 -7.94 -14.29 7.13
C VAL A 181 -9.03 -15.27 6.69
N LYS A 182 -9.05 -16.47 7.27
CA LYS A 182 -10.08 -17.48 6.96
C LYS A 182 -11.44 -16.93 7.22
N SER A 183 -11.56 -16.19 8.31
CA SER A 183 -12.88 -15.70 8.79
C SER A 183 -13.48 -14.74 7.88
N VAL A 184 -12.66 -14.14 7.01
CA VAL A 184 -13.16 -13.13 6.09
C VAL A 184 -13.92 -13.77 4.90
N GLY A 185 -13.89 -15.11 4.78
CA GLY A 185 -14.52 -15.71 3.59
C GLY A 185 -13.82 -15.37 2.26
N GLY A 186 -14.48 -15.72 1.16
CA GLY A 186 -13.87 -15.48 -0.18
C GLY A 186 -12.56 -16.28 -0.37
N ASN A 187 -11.68 -15.78 -1.23
CA ASN A 187 -10.54 -16.57 -1.64
C ASN A 187 -9.28 -16.13 -0.89
N SER A 188 -9.40 -15.15 -0.01
CA SER A 188 -8.21 -14.52 0.61
C SER A 188 -7.33 -15.55 1.36
N PHE A 189 -7.96 -16.43 2.17
CA PHE A 189 -7.17 -17.45 2.88
C PHE A 189 -6.54 -18.48 1.92
N ASN A 190 -7.33 -18.96 0.97
CA ASN A 190 -6.80 -19.92 -0.02
C ASN A 190 -5.57 -19.33 -0.80
N ALA A 191 -5.72 -18.08 -1.23
CA ALA A 191 -4.60 -17.38 -1.88
C ALA A 191 -3.37 -17.38 -0.98
N LEU A 192 -3.56 -17.03 0.30
CA LEU A 192 -2.47 -17.00 1.22
C LEU A 192 -1.90 -18.39 1.45
N GLN A 193 -2.73 -19.42 1.61
CA GLN A 193 -2.21 -20.78 1.81
C GLN A 193 -1.30 -21.23 0.64
N THR A 194 -1.71 -20.86 -0.57
CA THR A 194 -0.94 -21.19 -1.81
C THR A 194 0.40 -20.45 -1.78
N ALA A 195 0.34 -19.12 -1.56
CA ALA A 195 1.55 -18.28 -1.49
C ALA A 195 2.57 -18.76 -0.44
N CYS A 196 2.10 -19.36 0.64
CA CYS A 196 2.99 -19.80 1.66
C CYS A 196 3.51 -21.27 1.46
N ARG A 197 3.05 -22.02 0.45
CA ARG A 197 3.57 -23.41 0.29
C ARG A 197 5.06 -23.33 0.05
N GLY A 198 5.86 -24.07 0.81
CA GLY A 198 7.31 -24.05 0.61
C GLY A 198 7.93 -22.79 1.22
N VAL A 199 7.14 -22.00 1.97
CA VAL A 199 7.71 -20.79 2.65
C VAL A 199 7.77 -21.01 4.16
N ASN A 200 8.86 -20.57 4.83
CA ASN A 200 8.90 -20.65 6.30
C ASN A 200 7.82 -19.76 6.91
N ASP A 201 7.18 -20.21 7.99
CA ASP A 201 6.36 -19.32 8.83
C ASP A 201 7.08 -18.05 9.19
N TYR A 202 6.30 -16.95 9.26
CA TYR A 202 6.85 -15.66 9.68
C TYR A 202 7.64 -14.93 8.58
N GLU A 203 7.69 -15.48 7.34
CA GLU A 203 8.29 -14.70 6.33
C GLU A 203 7.19 -14.01 5.54
N VAL A 204 7.50 -12.89 4.92
CA VAL A 204 6.50 -12.19 4.08
C VAL A 204 6.36 -12.85 2.70
N VAL A 205 5.18 -12.79 2.14
CA VAL A 205 4.94 -13.18 0.73
C VAL A 205 4.04 -12.17 0.06
N ILE A 206 3.93 -12.25 -1.27
CA ILE A 206 2.94 -11.47 -2.02
C ILE A 206 1.60 -12.25 -1.94
N HIS A 207 0.52 -11.56 -1.59
CA HIS A 207 -0.74 -12.23 -1.39
C HIS A 207 -1.37 -12.61 -2.72
N ASP A 208 -1.31 -11.69 -3.69
CA ASP A 208 -2.01 -11.87 -5.00
C ASP A 208 -1.00 -11.55 -6.11
N PRO A 209 -0.31 -12.61 -6.60
CA PRO A 209 0.69 -12.35 -7.60
C PRO A 209 0.12 -11.92 -8.94
N TRP A 210 -1.11 -12.28 -9.20
CA TRP A 210 -1.74 -11.81 -10.42
C TRP A 210 -1.86 -10.27 -10.37
N ALA A 211 -2.46 -9.72 -9.31
CA ALA A 211 -2.46 -8.23 -9.18
C ALA A 211 -1.08 -7.59 -9.14
N ALA A 212 -0.13 -8.25 -8.50
CA ALA A 212 1.11 -7.61 -8.07
C ALA A 212 2.03 -7.54 -9.29
N TYR A 213 2.09 -8.64 -10.05
CA TYR A 213 3.11 -8.69 -11.15
C TYR A 213 2.74 -9.47 -12.43
N GLN A 214 1.58 -10.11 -12.49
CA GLN A 214 1.27 -10.90 -13.70
C GLN A 214 0.29 -10.20 -14.62
N LYS A 215 -0.66 -9.44 -14.05
CA LYS A 215 -1.73 -8.89 -14.86
C LYS A 215 -1.15 -7.89 -15.83
N SER A 216 -1.48 -8.14 -17.12
CA SER A 216 -1.17 -7.20 -18.20
C SER A 216 -2.04 -5.93 -18.24
N PHE A 217 -1.43 -4.76 -18.05
CA PHE A 217 -2.13 -3.49 -18.08
C PHE A 217 -1.83 -2.75 -19.38
N PRO A 218 -2.83 -2.65 -20.25
CA PRO A 218 -2.70 -1.96 -21.57
C PRO A 218 -2.17 -0.52 -21.43
N GLN A 219 -2.72 0.24 -20.48
CA GLN A 219 -2.33 1.63 -20.28
C GLN A 219 -0.87 1.75 -19.91
N ALA A 220 -0.25 0.66 -19.46
CA ALA A 220 1.17 0.77 -19.10
C ALA A 220 2.04 0.17 -20.20
N GLY A 221 1.41 -0.23 -21.31
CA GLY A 221 2.15 -0.76 -22.48
C GLY A 221 2.68 -2.17 -22.24
N HIS A 222 2.08 -2.90 -21.29
CA HIS A 222 2.48 -4.26 -21.03
C HIS A 222 2.10 -5.12 -22.24
N GLU A 223 3.00 -5.99 -22.66
CA GLU A 223 2.63 -6.96 -23.69
C GLU A 223 3.16 -8.34 -23.26
N TYR A 224 2.95 -9.38 -24.06
CA TYR A 224 3.20 -10.76 -23.61
C TYR A 224 4.56 -11.01 -22.99
N SER A 225 5.61 -10.48 -23.62
CA SER A 225 6.99 -10.78 -23.20
CA SER A 225 6.99 -10.78 -23.19
C SER A 225 7.54 -9.86 -22.08
N THR A 226 6.73 -8.90 -21.63
CA THR A 226 7.17 -7.92 -20.61
C THR A 226 7.53 -8.71 -19.35
N PRO A 227 8.75 -8.54 -18.83
CA PRO A 227 9.08 -9.55 -17.80
C PRO A 227 8.46 -9.25 -16.42
N ILE A 228 7.99 -8.01 -16.22
CA ILE A 228 7.32 -7.59 -14.94
C ILE A 228 6.06 -6.84 -15.32
N LYS A 229 4.90 -7.31 -14.88
CA LYS A 229 3.66 -6.62 -15.18
C LYS A 229 2.94 -6.23 -13.87
N GLY A 230 1.63 -6.14 -13.88
CA GLY A 230 0.85 -6.00 -12.61
C GLY A 230 1.03 -4.63 -11.98
N ASN A 231 0.48 -4.46 -10.80
CA ASN A 231 0.69 -3.26 -10.03
C ASN A 231 2.12 -2.85 -9.84
N TYR A 232 2.99 -3.84 -9.56
CA TYR A 232 4.39 -3.54 -9.23
C TYR A 232 5.16 -2.91 -10.41
N ALA A 233 4.99 -3.45 -11.63
CA ALA A 233 5.61 -2.75 -12.81
C ALA A 233 5.07 -1.31 -12.98
N MET A 234 3.79 -1.09 -12.66
CA MET A 234 3.21 0.27 -12.73
C MET A 234 3.78 1.15 -11.64
N LEU A 235 4.04 0.57 -10.46
CA LEU A 235 4.67 1.36 -9.39
C LEU A 235 6.12 1.65 -9.76
N MET A 236 6.79 0.71 -10.40
CA MET A 236 8.15 1.00 -10.84
C MET A 236 8.19 2.17 -11.87
N ALA A 237 7.30 2.14 -12.86
CA ALA A 237 7.20 3.27 -13.82
C ALA A 237 6.74 4.59 -13.15
N LEU A 238 5.89 4.48 -12.13
CA LEU A 238 5.52 5.61 -11.32
C LEU A 238 6.75 6.27 -10.63
N LYS A 239 7.66 5.47 -10.05
CA LYS A 239 8.90 5.98 -9.51
CA LYS A 239 8.92 5.97 -9.49
C LYS A 239 9.78 6.66 -10.55
N GLN A 240 9.69 6.21 -11.80
CA GLN A 240 10.41 6.93 -12.88
C GLN A 240 9.79 8.29 -13.13
N ARG A 241 8.47 8.41 -13.08
CA ARG A 241 7.82 9.71 -13.22
C ARG A 241 8.01 10.63 -12.01
N ASN A 242 7.98 10.02 -10.82
CA ASN A 242 8.06 10.75 -9.55
C ASN A 242 9.12 10.21 -8.64
N PRO A 243 10.42 10.50 -8.97
CA PRO A 243 11.48 9.84 -8.14
C PRO A 243 11.44 10.17 -6.63
N ASP A 244 10.82 11.28 -6.22
CA ASP A 244 10.82 11.59 -4.77
C ASP A 244 9.61 11.04 -4.02
N LEU A 245 8.73 10.37 -4.74
CA LEU A 245 7.53 9.79 -4.13
C LEU A 245 8.00 8.55 -3.34
N LYS A 246 7.60 8.37 -2.08
CA LYS A 246 7.99 7.13 -1.36
C LYS A 246 6.86 6.09 -1.51
N ILE A 247 7.23 4.85 -1.83
CA ILE A 247 6.28 3.82 -2.03
C ILE A 247 6.72 2.81 -0.98
N ILE A 248 5.80 2.45 -0.09
CA ILE A 248 6.15 1.61 1.08
C ILE A 248 5.19 0.46 1.20
N PRO A 249 5.70 -0.79 1.37
CA PRO A 249 4.73 -1.92 1.48
C PRO A 249 4.20 -1.89 2.91
N SER A 250 2.92 -2.09 3.09
CA SER A 250 2.36 -2.17 4.46
C SER A 250 2.14 -3.62 4.76
N ILE A 251 2.79 -4.07 5.83
CA ILE A 251 2.74 -5.48 6.21
C ILE A 251 1.67 -5.65 7.28
N GLY A 252 0.74 -6.58 7.08
CA GLY A 252 -0.29 -6.77 8.10
C GLY A 252 -1.64 -6.13 7.81
N GLY A 253 -2.17 -5.30 8.70
CA GLY A 253 -3.50 -4.68 8.53
C GLY A 253 -4.50 -5.44 9.40
N GLY A 254 -5.79 -5.10 9.34
CA GLY A 254 -6.72 -5.72 10.29
C GLY A 254 -6.83 -7.26 10.19
N THR A 255 -6.89 -7.77 8.99
CA THR A 255 -7.11 -9.18 8.87
C THR A 255 -5.83 -10.05 8.80
N LEU A 256 -4.67 -9.43 8.49
CA LEU A 256 -3.38 -10.14 8.36
C LEU A 256 -2.41 -9.99 9.54
N SER A 257 -2.90 -9.60 10.72
CA SER A 257 -2.03 -9.36 11.82
C SER A 257 -1.74 -10.59 12.69
N ASP A 258 -2.42 -11.73 12.48
CA ASP A 258 -2.32 -12.83 13.47
C ASP A 258 -0.86 -13.24 13.72
N PRO A 259 0.00 -13.33 12.66
CA PRO A 259 1.40 -13.79 12.94
C PRO A 259 2.19 -12.86 13.86
N PHE A 260 1.82 -11.59 13.97
CA PHE A 260 2.64 -10.66 14.80
C PHE A 260 2.58 -11.08 16.27
N TYR A 261 1.50 -11.74 16.69
CA TYR A 261 1.40 -12.14 18.10
C TYR A 261 2.45 -13.17 18.45
N ASP A 262 3.09 -13.78 17.48
CA ASP A 262 4.23 -14.68 17.83
C ASP A 262 5.55 -13.99 17.82
N PHE A 263 5.56 -12.67 17.65
CA PHE A 263 6.86 -12.02 17.61
C PHE A 263 7.36 -11.76 19.02
N VAL A 264 6.61 -12.19 20.04
CA VAL A 264 7.25 -12.27 21.36
C VAL A 264 8.46 -13.27 21.39
N ASP A 265 8.48 -14.25 20.47
CA ASP A 265 9.69 -15.16 20.25
C ASP A 265 10.67 -14.49 19.27
N LYS A 266 11.87 -14.09 19.73
CA LYS A 266 12.86 -13.40 18.89
C LYS A 266 13.22 -14.16 17.58
N LYS A 267 13.27 -15.50 17.63
CA LYS A 267 13.55 -16.27 16.41
C LYS A 267 12.52 -15.93 15.28
N ASN A 268 11.24 -15.75 15.66
CA ASN A 268 10.19 -15.37 14.68
C ASN A 268 10.44 -13.98 14.14
N ARG A 269 10.81 -13.04 15.00
CA ARG A 269 11.21 -11.70 14.48
C ARG A 269 12.40 -11.79 13.55
N ASP A 270 13.41 -12.59 13.93
CA ASP A 270 14.62 -12.68 13.09
C ASP A 270 14.20 -13.19 11.71
N THR A 271 13.41 -14.25 11.69
CA THR A 271 12.94 -14.79 10.38
C THR A 271 12.20 -13.70 9.57
N PHE A 272 11.29 -13.01 10.24
CA PHE A 272 10.53 -11.97 9.57
C PHE A 272 11.43 -10.85 9.04
N VAL A 273 12.25 -10.29 9.92
CA VAL A 273 13.17 -9.18 9.52
C VAL A 273 14.12 -9.59 8.34
N ALA A 274 14.70 -10.76 8.40
CA ALA A 274 15.48 -11.29 7.29
C ALA A 274 14.62 -11.38 6.00
N SER A 275 13.33 -11.78 6.14
CA SER A 275 12.51 -11.93 4.89
C SER A 275 12.14 -10.58 4.35
N VAL A 276 11.96 -9.59 5.22
CA VAL A 276 11.69 -8.24 4.75
C VAL A 276 12.96 -7.61 4.04
N LYS A 277 14.14 -7.86 4.59
CA LYS A 277 15.35 -7.42 3.88
C LYS A 277 15.39 -8.03 2.46
N LYS A 278 15.12 -9.32 2.39
CA LYS A 278 15.15 -9.98 1.07
C LYS A 278 14.08 -9.41 0.13
N PHE A 279 12.89 -9.18 0.69
CA PHE A 279 11.79 -8.59 -0.09
C PHE A 279 12.21 -7.22 -0.67
N LEU A 280 12.89 -6.38 0.13
CA LEU A 280 13.29 -5.09 -0.38
C LEU A 280 14.49 -5.17 -1.37
N LYS A 281 15.32 -6.18 -1.23
CA LYS A 281 16.37 -6.41 -2.26
C LYS A 281 15.80 -6.99 -3.55
N THR A 282 14.67 -7.71 -3.47
CA THR A 282 13.94 -8.20 -4.64
C THR A 282 13.13 -7.14 -5.36
N TRP A 283 12.40 -6.31 -4.60
CA TRP A 283 11.46 -5.35 -5.17
C TRP A 283 12.00 -3.95 -4.83
N LYS A 284 12.87 -3.44 -5.70
CA LYS A 284 13.66 -2.29 -5.30
C LYS A 284 12.91 -0.97 -5.46
N PHE A 285 11.73 -0.95 -6.06
CA PHE A 285 10.96 0.31 -6.07
C PHE A 285 10.49 0.73 -4.66
N TYR A 286 10.45 -0.23 -3.72
CA TYR A 286 10.01 0.08 -2.36
C TYR A 286 11.06 0.81 -1.56
N ASP A 287 10.63 1.80 -0.76
CA ASP A 287 11.49 2.75 -0.04
C ASP A 287 11.46 2.60 1.47
N GLY A 288 10.99 1.45 1.98
CA GLY A 288 11.05 1.23 3.42
C GLY A 288 10.01 0.16 3.79
N VAL A 289 9.54 0.21 5.02
CA VAL A 289 8.52 -0.76 5.40
C VAL A 289 7.58 -0.10 6.39
N ASP A 290 6.31 -0.40 6.25
CA ASP A 290 5.26 0.07 7.14
C ASP A 290 4.70 -1.17 7.90
N ILE A 291 4.64 -1.10 9.24
CA ILE A 291 4.22 -2.24 10.00
C ILE A 291 2.80 -1.90 10.49
N ASP A 292 1.80 -2.71 10.08
CA ASP A 292 0.47 -2.44 10.52
C ASP A 292 -0.05 -3.58 11.39
N TRP A 293 0.46 -3.66 12.61
CA TRP A 293 0.07 -4.73 13.54
C TRP A 293 -1.17 -4.27 14.30
N GLU A 294 -2.31 -4.92 14.02
CA GLU A 294 -3.58 -4.53 14.63
CA GLU A 294 -3.51 -4.48 14.67
C GLU A 294 -3.99 -5.66 15.54
N PHE A 295 -3.56 -5.66 16.81
CA PHE A 295 -2.85 -4.61 17.54
C PHE A 295 -2.03 -5.26 18.61
N PRO A 296 -0.89 -4.63 18.96
CA PRO A 296 -0.21 -5.13 20.14
C PRO A 296 -1.14 -5.09 21.40
N GLY A 297 -1.12 -6.17 22.19
CA GLY A 297 -2.03 -6.23 23.35
C GLY A 297 -3.38 -6.86 23.03
N GLY A 298 -3.70 -6.98 21.72
CA GLY A 298 -4.97 -7.55 21.35
C GLY A 298 -6.09 -6.58 21.02
N GLY A 299 -7.31 -7.10 21.00
CA GLY A 299 -8.42 -6.20 20.61
C GLY A 299 -8.56 -6.07 19.11
N GLY A 300 -7.98 -6.97 18.34
CA GLY A 300 -8.10 -6.87 16.89
C GLY A 300 -8.93 -8.05 16.40
N ALA A 301 -8.73 -8.49 15.15
CA ALA A 301 -9.54 -9.54 14.59
C ALA A 301 -9.36 -10.89 15.25
N ALA A 302 -8.21 -11.11 15.86
CA ALA A 302 -7.93 -12.39 16.47
C ALA A 302 -8.38 -12.33 17.95
N ALA A 303 -9.60 -12.81 18.20
CA ALA A 303 -10.21 -12.69 19.52
C ALA A 303 -9.43 -13.43 20.62
N ASP A 304 -8.67 -14.45 20.25
CA ASP A 304 -8.01 -15.30 21.23
C ASP A 304 -6.54 -14.91 21.38
N LYS A 305 -6.14 -13.78 20.79
CA LYS A 305 -4.72 -13.40 20.80
C LYS A 305 -4.53 -12.00 21.33
N GLY A 306 -3.31 -11.69 21.75
CA GLY A 306 -3.03 -10.43 22.40
C GLY A 306 -2.43 -10.66 23.78
N ASP A 307 -1.27 -10.03 24.01
CA ASP A 307 -0.54 -10.20 25.26
C ASP A 307 -0.17 -8.77 25.73
N PRO A 308 -0.98 -8.16 26.63
CA PRO A 308 -0.62 -6.78 27.03
C PRO A 308 0.69 -6.64 27.80
N VAL A 309 1.29 -7.72 28.31
CA VAL A 309 2.59 -7.57 29.03
C VAL A 309 3.74 -7.55 28.04
N ASN A 310 3.69 -8.46 27.08
CA ASN A 310 4.81 -8.69 26.15
C ASN A 310 4.70 -8.10 24.74
N ASP A 311 3.49 -7.78 24.25
CA ASP A 311 3.40 -7.37 22.84
C ASP A 311 4.10 -6.01 22.59
N GLY A 312 3.94 -5.07 23.54
CA GLY A 312 4.59 -3.76 23.46
C GLY A 312 6.09 -3.91 23.35
N PRO A 313 6.70 -4.65 24.32
CA PRO A 313 8.16 -4.78 24.22
C PRO A 313 8.58 -5.47 22.91
N ALA A 314 7.79 -6.45 22.45
CA ALA A 314 8.07 -7.14 21.19
C ALA A 314 7.94 -6.18 20.00
N TYR A 315 6.93 -5.30 20.04
CA TYR A 315 6.81 -4.32 18.97
C TYR A 315 8.03 -3.36 18.92
N ILE A 316 8.48 -2.91 20.09
CA ILE A 316 9.66 -2.01 20.15
C ILE A 316 10.90 -2.68 19.62
N ALA A 317 11.12 -3.91 20.07
CA ALA A 317 12.26 -4.72 19.60
C ALA A 317 12.16 -4.97 18.09
N LEU A 318 10.95 -5.24 17.57
CA LEU A 318 10.78 -5.41 16.13
C LEU A 318 11.21 -4.13 15.42
N MET A 319 10.79 -2.98 15.93
CA MET A 319 11.11 -1.69 15.27
C MET A 319 12.60 -1.52 15.34
N ARG A 320 13.21 -1.81 16.49
CA ARG A 320 14.67 -1.63 16.61
C ARG A 320 15.39 -2.54 15.57
N GLU A 321 14.94 -3.77 15.48
CA GLU A 321 15.60 -4.74 14.65
C GLU A 321 15.39 -4.45 13.15
N LEU A 322 14.20 -3.95 12.78
CA LEU A 322 13.92 -3.52 11.36
C LEU A 322 14.79 -2.36 11.02
N ARG A 323 14.94 -1.43 11.99
CA ARG A 323 15.81 -0.24 11.74
C ARG A 323 17.29 -0.65 11.53
N VAL A 324 17.78 -1.58 12.35
CA VAL A 324 19.12 -2.20 12.12
C VAL A 324 19.23 -2.79 10.71
N MET A 325 18.22 -3.55 10.32
CA MET A 325 18.24 -4.14 8.99
C MET A 325 18.23 -3.06 7.87
N LEU A 326 17.37 -2.06 8.03
CA LEU A 326 17.26 -1.00 7.07
C LEU A 326 18.51 -0.14 6.95
N ASP A 327 19.21 0.07 8.06
CA ASP A 327 20.54 0.72 8.01
C ASP A 327 21.53 -0.13 7.17
N GLU A 328 21.40 -1.46 7.24
CA GLU A 328 22.31 -2.29 6.39
C GLU A 328 21.95 -2.05 4.93
N LEU A 329 20.65 -1.94 4.64
CA LEU A 329 20.27 -1.66 3.26
C LEU A 329 20.69 -0.30 2.78
N GLU A 330 20.58 0.72 3.66
CA GLU A 330 21.06 2.06 3.37
C GLU A 330 22.57 2.02 3.10
N ALA A 331 23.34 1.25 3.91
CA ALA A 331 24.78 1.11 3.66
C ALA A 331 25.02 0.48 2.28
N GLU A 332 24.28 -0.58 1.95
CA GLU A 332 24.51 -1.31 0.70
C GLU A 332 24.12 -0.54 -0.55
N THR A 333 23.14 0.36 -0.49
CA THR A 333 22.55 0.94 -1.71
C THR A 333 22.80 2.42 -1.88
N GLY A 334 23.22 3.10 -0.80
CA GLY A 334 23.24 4.58 -0.76
C GLY A 334 21.88 5.28 -0.69
N ARG A 335 20.80 4.53 -0.45
CA ARG A 335 19.45 5.11 -0.43
C ARG A 335 19.02 5.36 1.00
N THR A 336 17.97 6.14 1.17
CA THR A 336 17.34 6.32 2.50
C THR A 336 16.17 5.32 2.56
N TYR A 337 16.02 4.57 3.65
CA TYR A 337 14.84 3.71 3.81
C TYR A 337 14.05 4.17 5.03
N GLU A 338 12.72 4.29 4.90
CA GLU A 338 11.84 4.77 5.96
C GLU A 338 11.18 3.63 6.72
N LEU A 339 11.00 3.80 8.02
CA LEU A 339 10.33 2.78 8.78
C LEU A 339 9.13 3.47 9.39
N THR A 340 7.94 2.94 9.17
CA THR A 340 6.75 3.61 9.69
C THR A 340 5.81 2.51 10.26
N SER A 341 4.71 2.93 10.85
CA SER A 341 3.76 1.98 11.35
C SER A 341 2.39 2.68 11.49
N ALA A 342 1.29 1.99 11.15
CA ALA A 342 -0.04 2.53 11.39
C ALA A 342 -0.54 1.87 12.67
N ILE A 343 -1.12 2.67 13.57
CA ILE A 343 -1.34 2.22 14.94
C ILE A 343 -2.76 2.57 15.39
N GLY A 344 -3.30 1.78 16.31
CA GLY A 344 -4.64 2.04 16.83
C GLY A 344 -4.46 3.23 17.78
N VAL A 345 -5.47 4.10 17.89
CA VAL A 345 -5.30 5.25 18.80
C VAL A 345 -6.36 5.33 19.93
N GLY A 346 -7.16 4.28 20.09
CA GLY A 346 -8.04 4.20 21.29
C GLY A 346 -7.08 4.13 22.51
N TYR A 347 -7.47 4.68 23.66
CA TYR A 347 -6.54 4.71 24.80
C TYR A 347 -6.10 3.27 25.19
N ASP A 348 -6.97 2.27 25.03
CA ASP A 348 -6.63 0.87 25.41
C ASP A 348 -5.63 0.21 24.41
N LYS A 349 -5.48 0.80 23.20
CA LYS A 349 -4.43 0.34 22.24
C LYS A 349 -3.10 1.01 22.60
N ILE A 350 -3.21 2.31 22.79
CA ILE A 350 -2.01 3.11 23.11
C ILE A 350 -1.31 2.70 24.39
N GLU A 351 -2.10 2.35 25.42
CA GLU A 351 -1.53 2.06 26.72
C GLU A 351 -0.72 0.73 26.70
N ASP A 352 -0.86 -0.09 25.67
CA ASP A 352 -0.06 -1.30 25.59
C ASP A 352 1.29 -1.17 24.92
N VAL A 353 1.63 0.01 24.43
CA VAL A 353 2.96 0.20 23.83
C VAL A 353 3.64 1.47 24.33
N ASP A 354 4.93 1.41 24.66
CA ASP A 354 5.63 2.64 24.90
C ASP A 354 6.06 3.22 23.52
N TYR A 355 5.23 4.08 22.95
CA TYR A 355 5.53 4.58 21.62
C TYR A 355 6.64 5.54 21.60
N ALA A 356 6.86 6.20 22.71
CA ALA A 356 7.97 7.15 22.76
C ALA A 356 9.30 6.43 22.62
N ASP A 357 9.39 5.19 23.16
CA ASP A 357 10.48 4.32 22.96
C ASP A 357 10.50 3.81 21.47
N ALA A 358 9.40 3.20 21.00
CA ALA A 358 9.33 2.67 19.60
C ALA A 358 9.64 3.70 18.53
N VAL A 359 9.17 4.93 18.72
CA VAL A 359 9.22 5.94 17.65
C VAL A 359 10.66 6.47 17.45
N GLN A 360 11.55 6.27 18.43
CA GLN A 360 12.95 6.69 18.19
C GLN A 360 13.51 5.93 16.97
N TYR A 361 12.98 4.73 16.67
CA TYR A 361 13.51 3.97 15.52
C TYR A 361 12.85 4.27 14.17
N MET A 362 11.75 5.02 14.24
CA MET A 362 10.79 5.22 13.14
C MET A 362 10.86 6.59 12.50
N ASP A 363 10.50 6.71 11.22
CA ASP A 363 10.28 8.00 10.61
C ASP A 363 8.90 8.58 10.94
N TYR A 364 7.84 7.76 10.80
CA TYR A 364 6.47 8.26 11.07
C TYR A 364 5.59 7.22 11.71
N ILE A 365 4.64 7.69 12.49
CA ILE A 365 3.53 6.89 12.94
C ILE A 365 2.30 7.40 12.21
N PHE A 366 1.60 6.48 11.52
CA PHE A 366 0.35 6.80 10.89
C PHE A 366 -0.74 6.52 11.93
N ALA A 367 -1.25 7.59 12.57
CA ALA A 367 -2.31 7.44 13.57
C ALA A 367 -3.67 7.05 12.96
N MET A 368 -4.15 5.82 13.19
CA MET A 368 -5.44 5.39 12.61
CA MET A 368 -5.45 5.35 12.64
C MET A 368 -6.64 6.10 13.28
N THR A 369 -6.80 7.36 12.89
CA THR A 369 -7.83 8.21 13.57
C THR A 369 -9.17 8.06 12.83
N TYR A 370 -9.67 6.83 12.80
CA TYR A 370 -10.88 6.44 12.06
C TYR A 370 -11.30 5.08 12.60
N ASP A 371 -12.46 4.58 12.17
CA ASP A 371 -12.99 3.33 12.75
C ASP A 371 -13.27 3.44 14.25
N PHE A 372 -13.64 4.61 14.76
CA PHE A 372 -13.93 4.72 16.19
C PHE A 372 -15.27 4.05 16.55
N TYR A 373 -16.21 4.09 15.60
CA TYR A 373 -17.52 3.52 15.74
C TYR A 373 -17.79 2.86 14.39
N GLY A 374 -18.74 1.91 14.35
CA GLY A 374 -19.02 1.23 13.04
C GLY A 374 -20.05 0.14 13.22
N GLY A 375 -20.29 -0.58 12.13
CA GLY A 375 -21.43 -1.48 12.01
C GLY A 375 -21.29 -2.76 12.81
N TRP A 376 -20.08 -3.01 13.34
CA TRP A 376 -19.90 -4.19 14.19
C TRP A 376 -20.84 -4.20 15.43
N ASN A 377 -21.38 -3.04 15.84
CA ASN A 377 -22.45 -3.05 16.84
C ASN A 377 -23.51 -1.98 16.47
N ASN A 378 -24.48 -1.81 17.33
CA ASN A 378 -25.66 -0.98 17.02
C ASN A 378 -25.60 0.38 17.72
N VAL A 379 -24.37 0.76 18.10
CA VAL A 379 -24.15 2.05 18.81
C VAL A 379 -23.61 3.05 17.79
N PRO A 380 -24.41 4.04 17.38
CA PRO A 380 -23.90 5.02 16.46
C PRO A 380 -22.84 5.94 17.15
N GLY A 381 -21.98 6.53 16.34
CA GLY A 381 -21.00 7.51 16.81
C GLY A 381 -20.21 8.02 15.63
N HIS A 382 -19.39 9.06 15.85
CA HIS A 382 -18.57 9.55 14.72
C HIS A 382 -17.36 8.67 14.53
N GLN A 383 -17.20 8.05 13.36
CA GLN A 383 -16.09 7.06 13.27
C GLN A 383 -14.73 7.77 13.14
N THR A 384 -14.72 9.05 12.79
CA THR A 384 -13.44 9.66 12.46
C THR A 384 -13.37 11.15 12.97
N ALA A 385 -14.12 11.44 14.06
CA ALA A 385 -14.17 12.76 14.65
C ALA A 385 -12.84 13.17 15.23
N LEU A 386 -12.58 14.45 15.08
CA LEU A 386 -11.49 15.09 15.82
C LEU A 386 -11.76 15.16 17.34
N TYR A 387 -12.97 15.62 17.72
CA TYR A 387 -13.29 15.87 19.12
C TYR A 387 -14.57 15.16 19.56
N CYS A 388 -14.92 15.31 20.83
CA CYS A 388 -15.99 14.51 21.36
C CYS A 388 -17.30 15.09 20.82
N GLY A 389 -18.22 14.23 20.39
CA GLY A 389 -19.46 14.70 19.80
C GLY A 389 -20.53 15.08 20.83
N SER A 390 -21.51 15.81 20.35
CA SER A 390 -22.62 16.22 21.20
C SER A 390 -23.33 14.99 21.79
N PHE A 391 -23.16 13.81 21.17
CA PHE A 391 -23.96 12.66 21.60
C PHE A 391 -23.35 12.00 22.79
N MET A 392 -22.09 12.33 23.11
CA MET A 392 -21.42 11.69 24.26
C MET A 392 -22.01 12.10 25.63
N ARG A 393 -21.86 11.24 26.61
CA ARG A 393 -22.47 11.51 27.92
C ARG A 393 -21.54 12.32 28.78
N PRO A 394 -22.06 12.87 29.91
CA PRO A 394 -21.18 13.58 30.86
C PRO A 394 -20.06 12.70 31.35
N GLY A 395 -18.84 13.18 31.27
CA GLY A 395 -17.68 12.39 31.70
C GLY A 395 -17.21 11.31 30.71
N GLN A 396 -17.87 11.19 29.57
CA GLN A 396 -17.51 10.12 28.63
C GLN A 396 -16.27 10.54 27.85
N CYS A 397 -16.24 11.79 27.43
CA CYS A 397 -15.08 12.35 26.67
C CYS A 397 -13.72 12.06 27.36
N ASP A 398 -13.57 12.45 28.61
CA ASP A 398 -12.29 12.21 29.27
C ASP A 398 -12.25 10.92 30.07
N GLY A 399 -13.35 10.17 30.09
CA GLY A 399 -13.42 8.91 30.77
C GLY A 399 -13.62 9.03 32.29
N GLY A 400 -13.89 10.24 32.78
CA GLY A 400 -14.15 10.46 34.22
C GLY A 400 -15.56 10.14 34.74
N GLY A 401 -16.45 9.58 33.89
CA GLY A 401 -17.86 9.36 34.23
C GLY A 401 -18.31 7.91 34.17
N VAL A 402 -19.63 7.71 33.99
CA VAL A 402 -20.28 6.40 33.95
C VAL A 402 -21.26 6.27 32.78
N ASP A 403 -21.40 5.07 32.22
CA ASP A 403 -22.33 4.87 31.10
C ASP A 403 -23.79 4.79 31.57
N GLU A 404 -24.73 4.57 30.66
CA GLU A 404 -26.19 4.56 31.01
C GLU A 404 -26.65 3.39 31.92
N ASN A 405 -25.79 2.39 32.14
CA ASN A 405 -26.01 1.43 33.22
C ASN A 405 -25.34 1.87 34.54
N GLY A 406 -24.64 3.01 34.54
CA GLY A 406 -23.89 3.50 35.72
C GLY A 406 -22.48 2.92 35.89
N GLU A 407 -22.03 2.18 34.88
CA GLU A 407 -20.67 1.57 34.81
C GLU A 407 -19.58 2.58 34.42
N PRO A 408 -18.49 2.71 35.26
CA PRO A 408 -17.39 3.69 35.00
C PRO A 408 -16.74 3.56 33.62
N TYR A 409 -16.55 4.70 32.93
CA TYR A 409 -15.75 4.68 31.68
C TYR A 409 -14.35 4.19 31.97
N LYS A 410 -13.82 3.34 31.10
CA LYS A 410 -12.48 2.76 31.42
C LYS A 410 -11.35 3.65 30.94
N GLY A 411 -11.67 4.59 30.04
CA GLY A 411 -10.66 5.54 29.56
C GLY A 411 -11.35 6.57 28.70
N PRO A 412 -10.60 7.53 28.09
CA PRO A 412 -11.17 8.61 27.30
C PRO A 412 -11.90 8.05 26.05
N ALA A 413 -12.85 8.81 25.52
CA ALA A 413 -13.63 8.38 24.38
C ALA A 413 -12.71 8.23 23.16
N TYR A 414 -13.18 7.46 22.19
CA TYR A 414 -12.45 7.35 20.91
C TYR A 414 -12.67 8.55 20.01
N THR A 415 -11.67 9.45 19.99
CA THR A 415 -11.64 10.60 19.09
C THR A 415 -10.19 10.78 18.65
N ALA A 416 -10.00 11.57 17.58
CA ALA A 416 -8.65 11.70 16.99
C ALA A 416 -7.80 12.46 18.01
N ASP A 417 -8.38 13.53 18.53
CA ASP A 417 -7.68 14.37 19.50
C ASP A 417 -7.31 13.59 20.78
N ASN A 418 -8.18 12.73 21.31
CA ASN A 418 -7.79 12.05 22.49
C ASN A 418 -6.59 11.14 22.21
N GLY A 419 -6.58 10.51 21.01
CA GLY A 419 -5.50 9.59 20.65
C GLY A 419 -4.20 10.37 20.51
N ILE A 420 -4.24 11.46 19.75
CA ILE A 420 -3.04 12.22 19.47
C ILE A 420 -2.52 12.72 20.85
N GLN A 421 -3.39 13.22 21.73
CA GLN A 421 -2.96 13.76 23.01
C GLN A 421 -2.29 12.69 23.88
N LEU A 422 -2.86 11.49 23.85
CA LEU A 422 -2.29 10.35 24.59
C LEU A 422 -0.88 10.03 24.09
N LEU A 423 -0.67 10.16 22.80
CA LEU A 423 0.64 9.81 22.22
C LEU A 423 1.62 10.93 22.55
N LEU A 424 1.16 12.16 22.42
CA LEU A 424 2.07 13.28 22.81
C LEU A 424 2.43 13.16 24.30
N ALA A 425 1.47 12.81 25.14
CA ALA A 425 1.73 12.69 26.58
C ALA A 425 2.75 11.58 26.88
N GLN A 426 2.84 10.52 26.04
CA GLN A 426 3.87 9.50 26.26
C GLN A 426 5.28 10.02 25.88
N GLY A 427 5.33 11.11 25.11
CA GLY A 427 6.57 11.75 24.68
C GLY A 427 6.90 11.43 23.23
N VAL A 428 5.92 10.96 22.42
CA VAL A 428 6.10 10.87 20.99
C VAL A 428 6.18 12.30 20.39
N PRO A 429 7.18 12.58 19.57
CA PRO A 429 7.28 13.94 19.05
C PRO A 429 6.16 14.20 18.05
N ALA A 430 5.62 15.41 18.10
CA ALA A 430 4.57 15.77 17.18
C ALA A 430 4.96 15.61 15.72
N ASN A 431 6.20 15.92 15.34
CA ASN A 431 6.59 15.90 13.94
C ASN A 431 6.85 14.51 13.38
N LYS A 432 6.59 13.49 14.20
CA LYS A 432 6.55 12.10 13.76
C LYS A 432 5.14 11.56 13.54
N LEU A 433 4.13 12.29 14.00
CA LEU A 433 2.75 11.80 13.95
C LEU A 433 2.02 12.26 12.71
N VAL A 434 1.35 11.34 12.00
CA VAL A 434 0.60 11.68 10.79
C VAL A 434 -0.89 11.37 11.10
N LEU A 435 -1.75 12.35 10.83
CA LEU A 435 -3.13 12.27 11.26
C LEU A 435 -3.94 11.65 10.11
N GLY A 436 -4.82 10.69 10.42
CA GLY A 436 -5.56 9.96 9.39
C GLY A 436 -6.93 10.52 9.09
N THR A 437 -7.22 10.49 7.81
CA THR A 437 -8.46 10.95 7.24
CA THR A 437 -8.55 10.90 7.28
C THR A 437 -9.17 9.68 6.65
N ALA A 438 -10.50 9.56 6.78
CA ALA A 438 -11.19 8.44 6.14
C ALA A 438 -11.74 8.82 4.78
N MET A 439 -11.48 8.00 3.76
CA MET A 439 -12.17 8.18 2.43
C MET A 439 -13.36 7.24 2.26
N TYR A 440 -14.05 6.97 3.36
CA TYR A 440 -15.19 6.03 3.36
C TYR A 440 -16.05 6.36 4.56
N GLY A 441 -17.30 5.90 4.57
CA GLY A 441 -18.12 6.05 5.74
C GLY A 441 -18.39 4.68 6.32
N ARG A 442 -18.73 4.65 7.60
CA ARG A 442 -19.28 3.40 8.14
C ARG A 442 -20.71 3.72 8.42
N GLY A 443 -21.55 2.70 8.56
CA GLY A 443 -22.95 2.95 8.50
C GLY A 443 -23.77 1.84 9.19
N TRP A 444 -24.99 2.23 9.56
CA TRP A 444 -25.91 1.37 10.22
C TRP A 444 -27.24 1.51 9.42
N GLU A 445 -28.14 0.57 9.73
CA GLU A 445 -29.53 0.70 9.38
C GLU A 445 -30.31 0.75 10.64
N GLY A 446 -31.56 1.20 10.51
CA GLY A 446 -32.59 1.06 11.58
C GLY A 446 -32.47 2.17 12.61
N VAL A 447 -31.66 3.21 12.37
CA VAL A 447 -31.58 4.35 13.31
C VAL A 447 -32.69 5.37 13.01
N THR A 448 -33.92 5.00 13.37
CA THR A 448 -35.06 5.83 12.99
C THR A 448 -35.35 6.86 14.13
N PRO A 449 -36.15 7.92 13.84
CA PRO A 449 -36.40 8.97 14.82
C PRO A 449 -36.89 8.51 16.16
N ASP A 450 -37.67 7.44 16.23
CA ASP A 450 -38.14 6.94 17.53
C ASP A 450 -37.00 6.42 18.45
N THR A 451 -35.79 6.18 17.91
CA THR A 451 -34.70 5.69 18.77
C THR A 451 -33.82 6.77 19.36
N LEU A 452 -33.99 7.99 18.90
CA LEU A 452 -33.12 9.11 19.28
C LEU A 452 -33.46 9.63 20.71
N THR A 453 -32.45 10.12 21.43
CA THR A 453 -32.68 10.73 22.73
C THR A 453 -32.66 12.23 22.50
N ASP A 454 -31.93 12.67 21.48
CA ASP A 454 -32.00 14.07 21.04
C ASP A 454 -32.52 14.02 19.59
N PRO A 455 -33.73 14.59 19.33
CA PRO A 455 -34.44 14.47 18.03
C PRO A 455 -33.69 15.10 16.86
N ASN A 456 -32.74 15.99 17.13
CA ASN A 456 -31.92 16.52 16.02
C ASN A 456 -30.53 15.88 15.84
N ASP A 457 -30.24 14.82 16.58
CA ASP A 457 -28.96 14.16 16.47
C ASP A 457 -29.14 12.64 16.35
N PRO A 458 -28.94 12.09 15.12
CA PRO A 458 -29.06 10.63 14.93
C PRO A 458 -27.95 9.83 15.63
N MET A 459 -26.85 10.49 16.05
CA MET A 459 -25.83 9.81 16.86
CA MET A 459 -25.84 9.78 16.85
C MET A 459 -26.33 9.42 18.23
N THR A 460 -27.52 9.92 18.62
CA THR A 460 -28.13 9.53 19.90
C THR A 460 -29.09 8.37 19.74
N GLY A 461 -29.22 7.84 18.53
CA GLY A 461 -30.14 6.71 18.34
C GLY A 461 -29.53 5.36 18.51
N THR A 462 -30.28 4.33 18.12
CA THR A 462 -29.83 2.94 18.19
C THR A 462 -30.12 2.24 16.85
N ALA A 463 -29.18 1.46 16.35
CA ALA A 463 -29.30 0.82 15.04
C ALA A 463 -29.93 -0.58 15.20
N THR A 464 -30.35 -1.12 14.07
CA THR A 464 -30.73 -2.55 14.06
C THR A 464 -29.61 -3.39 13.45
N GLY A 465 -28.69 -2.80 12.67
CA GLY A 465 -27.58 -3.63 12.08
C GLY A 465 -26.73 -2.73 11.18
N LYS A 466 -25.88 -3.35 10.37
CA LYS A 466 -24.91 -2.66 9.51
C LYS A 466 -25.63 -2.12 8.35
N LEU A 467 -25.10 -1.06 7.75
CA LEU A 467 -25.64 -0.53 6.49
C LEU A 467 -25.51 -1.63 5.40
N LYS A 468 -26.59 -1.87 4.64
CA LYS A 468 -26.51 -2.73 3.42
C LYS A 468 -26.53 -1.91 2.13
N GLY A 469 -25.82 -2.32 1.08
CA GLY A 469 -25.93 -1.65 -0.20
C GLY A 469 -25.21 -2.41 -1.27
N SER A 470 -25.29 -1.94 -2.52
CA SER A 470 -24.63 -2.67 -3.58
C SER A 470 -23.28 -2.00 -3.93
N THR A 471 -22.47 -2.78 -4.66
CA THR A 471 -21.14 -2.28 -5.09
C THR A 471 -21.32 -1.08 -6.05
N ALA A 472 -22.45 -0.99 -6.75
CA ALA A 472 -22.73 0.17 -7.64
C ALA A 472 -22.77 1.49 -6.84
N GLN A 473 -23.14 1.42 -5.55
CA GLN A 473 -23.24 2.61 -4.71
C GLN A 473 -21.97 2.73 -3.83
N GLY A 474 -20.95 1.89 -4.13
CA GLY A 474 -19.69 1.88 -3.40
C GLY A 474 -19.67 1.11 -2.11
N VAL A 475 -20.62 0.18 -1.93
CA VAL A 475 -20.69 -0.62 -0.72
C VAL A 475 -20.03 -1.93 -1.07
N TRP A 476 -18.76 -2.10 -0.71
CA TRP A 476 -18.08 -3.39 -0.98
C TRP A 476 -18.18 -4.39 0.15
N GLU A 477 -18.54 -3.95 1.36
CA GLU A 477 -18.86 -4.89 2.43
C GLU A 477 -19.89 -4.20 3.32
N ASP A 478 -20.64 -4.99 4.07
CA ASP A 478 -21.71 -4.50 4.93
C ASP A 478 -21.15 -3.48 5.86
N GLY A 479 -21.88 -2.40 6.05
CA GLY A 479 -21.48 -1.35 6.98
C GLY A 479 -20.39 -0.37 6.54
N VAL A 480 -19.91 -0.45 5.31
CA VAL A 480 -18.82 0.41 4.85
C VAL A 480 -19.17 0.92 3.47
N ILE A 481 -18.94 2.21 3.18
CA ILE A 481 -19.25 2.76 1.89
C ILE A 481 -18.22 3.74 1.42
N ASP A 482 -17.80 3.65 0.15
CA ASP A 482 -16.80 4.61 -0.36
C ASP A 482 -17.30 6.03 -0.22
N TYR A 483 -16.36 6.96 0.02
CA TYR A 483 -16.72 8.38 0.07
C TYR A 483 -17.35 8.76 -1.31
N LYS A 484 -16.77 8.30 -2.39
CA LYS A 484 -17.37 8.61 -3.68
C LYS A 484 -18.82 8.15 -3.91
N GLY A 485 -19.21 7.02 -3.32
CA GLY A 485 -20.59 6.54 -3.24
C GLY A 485 -21.55 7.42 -2.40
N ILE A 486 -21.08 7.84 -1.22
CA ILE A 486 -21.80 8.79 -0.37
C ILE A 486 -22.06 10.08 -1.16
N LYS A 487 -21.02 10.60 -1.81
CA LYS A 487 -21.19 11.80 -2.60
C LYS A 487 -22.20 11.64 -3.78
N SER A 488 -22.08 10.53 -4.53
CA SER A 488 -22.98 10.29 -5.65
C SER A 488 -24.41 9.95 -5.29
N PHE A 489 -24.62 9.19 -4.23
CA PHE A 489 -25.90 8.63 -3.99
C PHE A 489 -26.59 9.13 -2.70
N MET A 490 -25.91 9.93 -1.84
CA MET A 490 -26.52 10.40 -0.57
CA MET A 490 -26.56 10.42 -0.61
C MET A 490 -26.44 11.93 -0.43
N LEU A 491 -25.36 12.50 -0.92
CA LEU A 491 -25.16 13.92 -0.74
C LEU A 491 -25.68 14.66 -1.95
N GLY A 492 -25.31 14.18 -3.14
CA GLY A 492 -25.59 14.89 -4.41
C GLY A 492 -24.70 16.11 -4.62
N ALA A 493 -24.88 16.76 -5.76
CA ALA A 493 -24.03 17.88 -6.21
C ALA A 493 -23.92 19.04 -5.20
N ASN A 494 -25.02 19.38 -4.55
CA ASN A 494 -25.01 20.52 -3.64
C ASN A 494 -24.70 20.20 -2.19
N ASN A 495 -24.50 18.92 -1.89
CA ASN A 495 -24.11 18.51 -0.58
C ASN A 495 -25.21 18.73 0.42
N THR A 496 -26.47 18.62 -0.03
CA THR A 496 -27.63 18.85 0.81
C THR A 496 -28.55 17.65 1.02
N GLY A 497 -28.32 16.55 0.27
CA GLY A 497 -28.93 15.26 0.63
C GLY A 497 -29.90 14.84 -0.46
N ILE A 498 -29.75 13.61 -0.96
CA ILE A 498 -30.58 13.08 -2.03
C ILE A 498 -31.07 11.70 -1.66
N ASN A 499 -32.05 11.18 -2.39
CA ASN A 499 -32.52 9.82 -2.13
C ASN A 499 -33.00 9.56 -0.71
N GLY A 500 -33.67 10.54 -0.10
CA GLY A 500 -34.18 10.40 1.29
C GLY A 500 -33.14 10.68 2.37
N PHE A 501 -31.89 10.94 1.98
CA PHE A 501 -30.85 11.33 2.98
C PHE A 501 -30.79 12.81 3.29
N GLU A 502 -30.54 13.17 4.57
CA GLU A 502 -30.16 14.54 4.86
C GLU A 502 -28.72 14.58 5.41
N TYR A 503 -28.05 15.72 5.17
CA TYR A 503 -26.70 15.92 5.63
C TYR A 503 -26.75 16.60 7.00
N GLY A 504 -25.85 16.26 7.91
CA GLY A 504 -25.74 17.05 9.17
C GLY A 504 -24.26 17.17 9.52
N TYR A 505 -23.93 18.09 10.42
CA TYR A 505 -22.52 18.25 10.80
C TYR A 505 -22.48 18.53 12.26
N ASP A 506 -21.69 17.77 13.02
CA ASP A 506 -21.62 17.97 14.45
C ASP A 506 -20.38 18.93 14.60
N ALA A 507 -20.66 20.23 14.80
CA ALA A 507 -19.60 21.25 14.93
C ALA A 507 -18.66 21.06 16.15
N GLN A 508 -19.13 20.44 17.21
CA GLN A 508 -18.30 20.21 18.36
C GLN A 508 -17.27 19.08 18.06
N ALA A 509 -17.71 18.03 17.37
CA ALA A 509 -16.89 16.89 17.04
C ALA A 509 -16.00 17.17 15.84
N GLU A 510 -16.46 18.06 14.95
CA GLU A 510 -15.94 18.26 13.57
C GLU A 510 -16.21 16.95 12.77
N ALA A 511 -17.48 16.61 12.57
CA ALA A 511 -17.81 15.30 11.98
C ALA A 511 -19.12 15.39 11.26
N PRO A 512 -19.12 15.01 10.00
CA PRO A 512 -20.32 15.00 9.18
C PRO A 512 -21.04 13.66 9.26
N TRP A 513 -22.32 13.68 8.93
CA TRP A 513 -23.09 12.47 8.69
C TRP A 513 -24.15 12.68 7.61
N VAL A 514 -24.68 11.57 7.05
CA VAL A 514 -25.96 11.63 6.25
C VAL A 514 -26.89 10.63 6.85
N TRP A 515 -28.18 10.95 6.87
CA TRP A 515 -29.14 10.13 7.56
C TRP A 515 -30.43 10.06 6.74
N ASN A 516 -30.90 8.85 6.59
CA ASN A 516 -32.20 8.64 5.97
C ASN A 516 -33.14 8.22 7.07
N ARG A 517 -33.98 9.17 7.48
CA ARG A 517 -34.94 8.98 8.59
C ARG A 517 -35.90 7.81 8.44
N SER A 518 -36.32 7.49 7.20
CA SER A 518 -37.25 6.39 7.06
C SER A 518 -36.57 4.99 7.07
N THR A 519 -35.42 4.84 6.40
CA THR A 519 -34.76 3.53 6.55
C THR A 519 -33.95 3.42 7.83
N GLY A 520 -33.70 4.59 8.42
CA GLY A 520 -32.84 4.76 9.56
C GLY A 520 -31.38 4.48 9.16
N GLU A 521 -31.06 4.53 7.86
CA GLU A 521 -29.66 4.40 7.40
C GLU A 521 -28.84 5.60 7.86
N LEU A 522 -27.71 5.36 8.49
CA LEU A 522 -26.93 6.53 8.99
C LEU A 522 -25.48 6.26 8.70
N ILE A 523 -24.76 7.23 8.14
CA ILE A 523 -23.37 6.98 7.72
C ILE A 523 -22.52 8.08 8.34
N THR A 524 -21.41 7.67 8.93
CA THR A 524 -20.40 8.59 9.54
C THR A 524 -19.17 8.54 8.65
N PHE A 525 -18.58 9.68 8.30
CA PHE A 525 -17.53 9.77 7.27
C PHE A 525 -16.76 11.05 7.48
N ASP A 526 -15.78 11.34 6.61
CA ASP A 526 -15.05 12.62 6.58
C ASP A 526 -15.44 13.37 5.36
N ASP A 527 -15.67 14.67 5.49
CA ASP A 527 -16.01 15.49 4.34
C ASP A 527 -15.09 16.67 4.22
N HIS A 528 -15.38 17.53 3.25
CA HIS A 528 -14.52 18.67 3.05
C HIS A 528 -14.33 19.50 4.34
N ARG A 529 -15.42 19.82 5.06
CA ARG A 529 -15.33 20.61 6.29
C ARG A 529 -14.53 19.87 7.40
N SER A 530 -14.74 18.56 7.61
CA SER A 530 -14.02 17.91 8.76
C SER A 530 -12.56 17.76 8.41
N VAL A 531 -12.24 17.62 7.13
CA VAL A 531 -10.85 17.40 6.73
C VAL A 531 -10.08 18.77 6.84
N LEU A 532 -10.73 19.88 6.55
CA LEU A 532 -10.10 21.18 6.82
C LEU A 532 -9.83 21.34 8.34
N ALA A 533 -10.77 20.91 9.17
CA ALA A 533 -10.52 20.98 10.62
C ALA A 533 -9.31 20.12 11.01
N LYS A 534 -9.23 18.90 10.42
CA LYS A 534 -8.07 18.05 10.70
C LYS A 534 -6.78 18.69 10.24
N GLY A 535 -6.77 19.33 9.07
CA GLY A 535 -5.59 20.05 8.58
C GLY A 535 -5.20 21.16 9.56
N ASN A 536 -6.16 21.95 10.02
CA ASN A 536 -5.89 23.05 10.95
C ASN A 536 -5.34 22.44 12.27
N TYR A 537 -5.94 21.34 12.74
CA TYR A 537 -5.45 20.68 13.94
C TYR A 537 -4.00 20.20 13.81
N ALA A 538 -3.71 19.49 12.70
CA ALA A 538 -2.35 19.06 12.35
C ALA A 538 -1.39 20.24 12.35
N LYS A 539 -1.76 21.34 11.68
CA LYS A 539 -0.92 22.53 11.66
C LYS A 539 -0.66 23.10 13.02
N SER A 540 -1.72 23.25 13.83
CA SER A 540 -1.64 23.81 15.20
C SER A 540 -0.67 23.08 16.07
N LEU A 541 -0.66 21.77 15.95
CA LEU A 541 0.14 20.96 16.83
C LEU A 541 1.49 20.66 16.27
N GLY A 542 1.73 21.03 15.03
CA GLY A 542 2.98 20.73 14.37
C GLY A 542 3.18 19.25 14.05
N LEU A 543 2.09 18.56 13.69
CA LEU A 543 2.18 17.16 13.22
C LEU A 543 2.90 17.04 11.89
N ALA A 544 3.34 15.82 11.50
CA ALA A 544 4.06 15.63 10.26
C ALA A 544 3.20 15.89 9.00
N GLY A 545 1.88 15.71 9.11
CA GLY A 545 0.96 15.86 7.99
C GLY A 545 -0.27 14.98 8.16
N LEU A 546 -0.81 14.55 7.01
CA LEU A 546 -2.09 13.82 6.97
C LEU A 546 -1.96 12.55 6.09
N PHE A 547 -2.75 11.52 6.38
CA PHE A 547 -2.80 10.44 5.45
C PHE A 547 -4.22 10.01 5.35
N SER A 548 -4.50 9.17 4.37
CA SER A 548 -5.85 8.71 4.10
C SER A 548 -5.92 7.22 3.79
N TRP A 549 -7.12 6.68 3.92
N TRP A 549 -7.02 6.61 4.21
CA TRP A 549 -7.41 5.27 3.82
CA TRP A 549 -7.41 5.26 3.78
C TRP A 549 -8.83 5.22 3.21
C TRP A 549 -8.80 5.39 3.11
N GLU A 550 -9.04 4.78 1.95
CA GLU A 550 -8.02 4.26 1.02
C GLU A 550 -8.29 5.05 -0.31
N ILE A 551 -7.27 5.18 -1.17
CA ILE A 551 -7.30 6.23 -2.22
C ILE A 551 -8.36 5.93 -3.32
N ASP A 552 -8.67 4.65 -3.53
CA ASP A 552 -9.59 4.28 -4.59
C ASP A 552 -11.01 4.72 -4.25
N ALA A 553 -11.31 4.94 -2.95
CA ALA A 553 -12.66 5.35 -2.54
C ALA A 553 -12.96 6.87 -2.66
N ASP A 554 -11.93 7.66 -2.97
CA ASP A 554 -12.06 9.11 -2.96
C ASP A 554 -12.51 9.49 -4.41
N ASN A 555 -13.15 10.64 -4.59
CA ASN A 555 -13.30 11.14 -6.02
C ASN A 555 -12.42 12.38 -6.30
N GLY A 556 -11.50 12.70 -5.38
CA GLY A 556 -10.70 13.90 -5.45
C GLY A 556 -11.03 14.81 -4.27
N ASP A 557 -12.28 14.83 -3.81
CA ASP A 557 -12.67 15.83 -2.79
C ASP A 557 -11.88 15.69 -1.49
N ILE A 558 -11.64 14.46 -1.02
CA ILE A 558 -10.96 14.31 0.28
C ILE A 558 -9.48 14.71 0.20
N LEU A 559 -8.76 14.22 -0.80
CA LEU A 559 -7.36 14.57 -0.93
C LEU A 559 -7.24 16.10 -1.21
N ASN A 560 -8.17 16.65 -2.01
CA ASN A 560 -8.13 18.11 -2.23
C ASN A 560 -8.27 18.82 -0.90
N ALA A 561 -9.22 18.38 -0.08
CA ALA A 561 -9.44 19.04 1.24
C ALA A 561 -8.28 18.85 2.16
N MET A 562 -7.57 17.72 2.03
CA MET A 562 -6.32 17.52 2.85
C MET A 562 -5.31 18.62 2.50
N HIS A 563 -5.17 18.85 1.21
CA HIS A 563 -4.22 19.91 0.77
C HIS A 563 -4.73 21.29 1.17
N GLU A 564 -6.03 21.53 0.95
CA GLU A 564 -6.59 22.82 1.39
C GLU A 564 -6.51 23.08 2.90
N GLY A 565 -6.74 22.02 3.70
CA GLY A 565 -6.66 22.19 5.15
C GLY A 565 -5.23 22.48 5.61
N MET A 566 -4.25 21.98 4.86
CA MET A 566 -2.86 22.14 5.31
C MET A 566 -2.29 23.48 4.88
N ALA A 567 -2.91 24.11 3.89
CA ALA A 567 -2.50 25.45 3.52
C ALA A 567 -3.04 26.41 4.59
N GLY A 568 -4.36 26.36 4.83
CA GLY A 568 -5.11 27.42 5.53
C GLY A 568 -5.48 27.45 7.01
N GLY A 569 -5.26 26.37 7.77
CA GLY A 569 -5.44 26.45 9.23
C GLY A 569 -4.70 27.67 9.87
N VAL A 570 -5.47 28.42 10.67
CA VAL A 570 -4.97 29.57 11.44
C VAL A 570 -4.02 29.07 12.55
N SAU B . -14.76 -4.51 16.87
C1 SAU B . -11.62 -1.88 11.81
O1 SAU B . -12.25 -1.71 13.12
C2 SAU B . -13.20 -3.43 12.03
O2 SAU B . -12.55 -2.72 11.05
C3 SAU B . -13.01 -2.82 13.27
O3 SAU B . -17.90 -8.52 20.10
C4 SAU B . -13.97 -4.61 11.97
O4 SAU B . -16.70 -6.61 20.36
C5 SAU B . -14.55 -5.17 13.13
C6 SAU B . -14.35 -4.55 14.37
C7 SAU B . -13.58 -3.37 14.42
C8 SAU B . -15.29 -6.33 13.01
C9 SAU B . -15.85 -6.89 14.16
C10 SAU B . -14.92 -5.10 15.55
C12 SAU B . -15.36 -5.14 18.01
C13 SAU B . -16.10 -6.33 17.86
C14 SAU B . -16.27 -6.92 16.58
C15 SAU B . -15.68 -6.30 15.44
C18 SAU B . -17.02 -8.10 16.45
C19 SAU B . -17.61 -8.72 17.56
C20 SAU B . -17.45 -8.14 18.84
C21 SAU B . -16.70 -6.94 19.00
C23 SAU B . -16.95 -7.89 21.04
C25 SAU B . -13.97 -3.25 17.11
N SAU C . -12.10 -6.92 16.88
C1 SAU C . -14.78 -11.48 20.49
O1 SAU C . -14.54 -10.07 20.35
C2 SAU C . -14.87 -11.00 18.28
O2 SAU C . -15.48 -11.78 19.23
C3 SAU C . -14.27 -9.95 19.00
O3 SAU C . -9.67 -4.32 12.21
C4 SAU C . -14.75 -11.11 16.88
O4 SAU C . -9.85 -4.08 14.42
C5 SAU C . -14.03 -10.13 16.18
C6 SAU C . -13.43 -9.06 16.88
C7 SAU C . -13.55 -8.99 18.28
C8 SAU C . -13.91 -10.20 14.78
C9 SAU C . -13.19 -9.22 14.08
C10 SAU C . -12.70 -8.05 16.19
C12 SAU C . -11.36 -6.00 16.13
C13 SAU C . -11.27 -6.14 14.76
C14 SAU C . -11.88 -7.22 14.08
C15 SAU C . -12.60 -8.16 14.78
C18 SAU C . -11.80 -7.34 12.68
C19 SAU C . -11.05 -6.42 11.96
C20 SAU C . -10.42 -5.36 12.64
C21 SAU C . -10.54 -5.20 14.04
C23 SAU C . -8.86 -4.04 13.33
C25 SAU C . -12.15 -6.69 18.38
C1 GOL D . -9.30 2.28 15.22
O1 GOL D . -8.28 1.50 14.73
C2 GOL D . -8.83 3.31 16.24
O2 GOL D . -7.51 3.76 16.00
C3 GOL D . -9.24 2.98 17.69
O3 GOL D . -8.23 2.21 18.35
#